data_4YND
#
_entry.id   4YND
#
_cell.length_a   52.796
_cell.length_b   71.301
_cell.length_c   118.930
_cell.angle_alpha   90.00
_cell.angle_beta   90.00
_cell.angle_gamma   90.00
#
_symmetry.space_group_name_H-M   'P 21 21 21'
#
loop_
_entity.id
_entity.type
_entity.pdbx_description
1 polymer 'N-lysine methyltransferase SMYD2'
2 non-polymer 'ZINC ION'
3 non-polymer N-cyclohexyl-N~3~-[2-(3,4-dichlorophenyl)ethyl]-N-(2-{[(2R)-2-hydroxy-2-(3-oxo-3,4-dihydro-2H-1,4-benzoxazin-8-yl)ethyl]amino}ethyl)-beta-alaninamide
4 non-polymer S-ADENOSYLMETHIONINE
5 water water
#
_entity_poly.entity_id   1
_entity_poly.type   'polypeptide(L)'
_entity_poly.pdbx_seq_one_letter_code
;MSYYHHHHHHDYDIPTTENLYFQGAMDPMRAEGLGGLERFCSPGKGRGLRALQPFQVGDLLFSCPAYAYVLTVNERGNHC
EYCFTRKEGLSKCGRCKQAFYCNVECQKEDWPMHKLECSPMVVFGENWNPSETVRLTARILAKQKIHPERTPSEKLLAVK
EFESHLDKLDNEKKDLIQSDIAALHHFYSKHLGFPDNDSLVVLFAQVNCNGFTIEDEELSHLGSAIFPDVALMNHSCCPN
VIVTYKGTLAEVRAVQEIKPGEEVFTSYIDLLYPTEDRNDRLRDSYFFTCECQECTTKDKDKAKVEIRKLSDPPKAEAIR
DMVRYARNVIEEFRRAKHYKSPSELLEICELSQEKMSSVFEDSNVYMLHMMYQAMGVCLYMQDWEGALQYGQKIIKPYSK
HYPLYSLNVASMWLKLGRLYMGLEHKAAGEKALKKAIAIMEVAHGKDHPYISEIKQEIESH
;
_entity_poly.pdbx_strand_id   A
#
loop_
_chem_comp.id
_chem_comp.type
_chem_comp.name
_chem_comp.formula
4GQ non-polymer N-cyclohexyl-N~3~-[2-(3,4-dichlorophenyl)ethyl]-N-(2-{[(2R)-2-hydroxy-2-(3-oxo-3,4-dihydro-2H-1,4-benzoxazin-8-yl)ethyl]amino}ethyl)-beta-alaninamide 'C29 H38 Cl2 N4 O4'
SAM non-polymer S-ADENOSYLMETHIONINE 'C15 H22 N6 O5 S'
ZN non-polymer 'ZINC ION' 'Zn 2'
#
# COMPACT_ATOMS: atom_id res chain seq x y z
N ALA A 31 -25.22 -3.01 -17.50
CA ALA A 31 -24.93 -2.08 -16.41
C ALA A 31 -23.43 -1.93 -16.17
N GLU A 32 -22.97 -0.71 -15.87
CA GLU A 32 -21.54 -0.47 -15.62
C GLU A 32 -21.28 0.40 -14.39
N GLY A 33 -20.06 0.27 -13.86
CA GLY A 33 -19.60 0.97 -12.67
C GLY A 33 -20.16 0.31 -11.44
N LEU A 34 -20.88 1.09 -10.61
CA LEU A 34 -21.51 0.59 -9.39
C LEU A 34 -22.97 0.15 -9.63
N GLY A 35 -23.36 0.12 -10.91
CA GLY A 35 -24.68 -0.31 -11.37
C GLY A 35 -24.82 -1.82 -11.45
N GLY A 36 -23.72 -2.48 -11.81
CA GLY A 36 -23.65 -3.94 -11.93
C GLY A 36 -23.18 -4.61 -10.64
N LEU A 37 -23.17 -3.85 -9.54
CA LEU A 37 -22.76 -4.27 -8.19
C LEU A 37 -23.77 -3.74 -7.16
N GLU A 38 -23.79 -4.34 -5.95
CA GLU A 38 -24.70 -3.90 -4.88
C GLU A 38 -24.14 -4.06 -3.47
N ARG A 39 -24.61 -3.19 -2.55
CA ARG A 39 -24.26 -3.20 -1.13
C ARG A 39 -25.18 -4.22 -0.44
N PHE A 40 -24.60 -5.13 0.35
CA PHE A 40 -25.34 -6.17 1.06
C PHE A 40 -24.67 -6.50 2.39
N CYS A 41 -25.38 -7.23 3.27
CA CYS A 41 -24.84 -7.64 4.56
C CYS A 41 -24.19 -9.01 4.46
N SER A 42 -22.85 -9.04 4.54
CA SER A 42 -22.05 -10.26 4.49
C SER A 42 -22.04 -10.93 5.87
N PRO A 43 -22.48 -12.21 5.99
CA PRO A 43 -22.53 -12.87 7.31
C PRO A 43 -21.17 -13.01 8.00
N GLY A 44 -21.03 -12.37 9.15
CA GLY A 44 -19.82 -12.37 9.97
C GLY A 44 -18.75 -11.40 9.52
N LYS A 45 -19.03 -10.59 8.48
CA LYS A 45 -18.09 -9.61 7.91
C LYS A 45 -18.65 -8.18 7.93
N GLY A 46 -19.92 -8.03 8.31
CA GLY A 46 -20.61 -6.74 8.35
C GLY A 46 -21.20 -6.43 6.99
N ARG A 47 -20.81 -5.30 6.39
CA ARG A 47 -21.27 -4.89 5.06
C ARG A 47 -20.30 -5.38 3.99
N GLY A 48 -20.81 -5.57 2.77
CA GLY A 48 -20.02 -6.05 1.65
C GLY A 48 -20.57 -5.68 0.29
N LEU A 49 -19.77 -5.95 -0.75
CA LEU A 49 -20.10 -5.68 -2.14
C LEU A 49 -20.18 -7.00 -2.91
N ARG A 50 -21.28 -7.21 -3.67
CA ARG A 50 -21.48 -8.41 -4.47
C ARG A 50 -21.88 -8.06 -5.91
N ALA A 51 -21.41 -8.89 -6.87
CA ALA A 51 -21.67 -8.70 -8.30
C ALA A 51 -23.11 -9.05 -8.68
N LEU A 52 -23.67 -8.31 -9.64
CA LEU A 52 -25.02 -8.52 -10.17
C LEU A 52 -24.91 -8.98 -11.63
N GLN A 53 -23.67 -9.01 -12.15
CA GLN A 53 -23.33 -9.41 -13.52
C GLN A 53 -21.98 -10.18 -13.54
N PRO A 54 -21.71 -11.02 -14.57
CA PRO A 54 -20.41 -11.74 -14.58
C PRO A 54 -19.23 -10.84 -14.91
N PHE A 55 -18.11 -11.05 -14.19
CA PHE A 55 -16.87 -10.30 -14.40
C PHE A 55 -15.74 -11.26 -14.73
N GLN A 56 -15.10 -11.05 -15.89
CA GLN A 56 -14.00 -11.88 -16.36
C GLN A 56 -12.66 -11.28 -15.92
N VAL A 57 -11.57 -12.06 -16.02
CA VAL A 57 -10.21 -11.65 -15.63
C VAL A 57 -9.74 -10.47 -16.50
N GLY A 58 -9.49 -9.34 -15.83
CA GLY A 58 -9.04 -8.10 -16.46
C GLY A 58 -10.10 -7.02 -16.59
N ASP A 59 -11.39 -7.40 -16.46
CA ASP A 59 -12.53 -6.47 -16.57
C ASP A 59 -12.59 -5.46 -15.42
N LEU A 60 -12.87 -4.19 -15.76
CA LEU A 60 -13.00 -3.11 -14.79
C LEU A 60 -14.39 -3.17 -14.16
N LEU A 61 -14.44 -3.44 -12.84
CA LEU A 61 -15.68 -3.53 -12.08
C LEU A 61 -16.26 -2.14 -11.86
N PHE A 62 -15.45 -1.23 -11.28
CA PHE A 62 -15.81 0.16 -10.98
C PHE A 62 -14.57 1.01 -10.67
N SER A 63 -14.68 2.32 -10.91
CA SER A 63 -13.63 3.30 -10.60
C SER A 63 -14.14 4.22 -9.50
N CYS A 64 -13.28 4.61 -8.55
CA CYS A 64 -13.67 5.48 -7.45
C CYS A 64 -12.71 6.65 -7.25
N PRO A 65 -13.18 7.91 -7.46
CA PRO A 65 -12.29 9.06 -7.22
C PRO A 65 -12.05 9.25 -5.73
N ALA A 66 -10.90 9.85 -5.36
CA ALA A 66 -10.53 10.05 -3.96
C ALA A 66 -11.41 11.11 -3.29
N TYR A 67 -11.98 10.75 -2.11
CA TYR A 67 -12.80 11.67 -1.30
C TYR A 67 -11.85 12.74 -0.76
N ALA A 68 -10.70 12.29 -0.23
CA ALA A 68 -9.60 13.09 0.31
C ALA A 68 -8.32 12.30 0.04
N TYR A 69 -7.24 13.01 -0.29
CA TYR A 69 -5.95 12.40 -0.61
C TYR A 69 -4.80 13.32 -0.20
N VAL A 70 -3.62 12.73 0.06
CA VAL A 70 -2.43 13.47 0.45
C VAL A 70 -1.17 12.79 -0.12
N LEU A 71 -0.25 13.57 -0.71
CA LEU A 71 0.99 13.06 -1.27
C LEU A 71 2.06 12.99 -0.18
N THR A 72 2.81 11.87 -0.12
CA THR A 72 3.87 11.65 0.86
C THR A 72 5.00 12.69 0.65
N VAL A 73 5.66 13.10 1.75
CA VAL A 73 6.74 14.10 1.77
C VAL A 73 7.90 13.71 0.85
N ASN A 74 8.30 12.42 0.87
CA ASN A 74 9.41 11.91 0.06
C ASN A 74 9.16 11.90 -1.45
N GLU A 75 7.90 12.07 -1.90
CA GLU A 75 7.57 12.10 -3.33
C GLU A 75 7.35 13.54 -3.87
N ARG A 76 7.68 14.57 -3.07
CA ARG A 76 7.57 15.98 -3.45
C ARG A 76 8.65 16.33 -4.47
N GLY A 77 8.23 16.95 -5.57
CA GLY A 77 9.12 17.35 -6.65
C GLY A 77 9.11 16.38 -7.82
N ASN A 78 8.66 15.13 -7.57
CA ASN A 78 8.57 14.06 -8.57
C ASN A 78 7.14 13.91 -9.09
N HIS A 79 6.13 14.15 -8.22
CA HIS A 79 4.71 14.04 -8.54
C HIS A 79 3.95 15.32 -8.24
N CYS A 80 2.84 15.55 -8.96
CA CYS A 80 1.97 16.70 -8.75
C CYS A 80 1.16 16.48 -7.47
N GLU A 81 1.02 17.53 -6.66
CA GLU A 81 0.29 17.48 -5.39
C GLU A 81 -1.23 17.33 -5.58
N TYR A 82 -1.75 17.69 -6.78
CA TYR A 82 -3.18 17.63 -7.09
C TYR A 82 -3.60 16.38 -7.88
N CYS A 83 -2.91 16.04 -8.98
CA CYS A 83 -3.32 14.91 -9.83
C CYS A 83 -2.41 13.66 -9.72
N PHE A 84 -1.33 13.71 -8.91
CA PHE A 84 -0.38 12.61 -8.66
C PHE A 84 0.40 12.14 -9.93
N THR A 85 0.36 12.94 -11.02
CA THR A 85 1.05 12.63 -12.29
C THR A 85 2.56 12.79 -12.13
N ARG A 86 3.32 11.73 -12.46
CA ARG A 86 4.79 11.77 -12.38
C ARG A 86 5.32 12.57 -13.56
N LYS A 87 6.06 13.64 -13.26
CA LYS A 87 6.64 14.54 -14.25
C LYS A 87 8.02 15.04 -13.81
N GLU A 88 8.83 15.47 -14.79
CA GLU A 88 10.15 16.06 -14.58
C GLU A 88 9.96 17.55 -14.77
N GLY A 89 10.20 18.32 -13.72
CA GLY A 89 10.01 19.77 -13.75
C GLY A 89 8.56 20.15 -13.58
N LEU A 90 8.21 20.55 -12.35
CA LEU A 90 6.88 20.98 -11.95
C LEU A 90 6.99 22.42 -11.45
N SER A 91 5.89 23.19 -11.50
CA SER A 91 5.85 24.55 -11.01
C SER A 91 5.71 24.50 -9.48
N LYS A 92 6.77 24.88 -8.76
CA LYS A 92 6.81 24.87 -7.30
C LYS A 92 6.02 26.04 -6.70
N CYS A 93 5.55 25.88 -5.45
CA CYS A 93 4.82 26.91 -4.70
C CYS A 93 5.79 28.04 -4.34
N GLY A 94 5.31 29.27 -4.43
CA GLY A 94 6.12 30.46 -4.15
C GLY A 94 6.48 30.65 -2.69
N ARG A 95 5.49 30.51 -1.79
CA ARG A 95 5.64 30.72 -0.35
C ARG A 95 6.49 29.67 0.37
N CYS A 96 6.08 28.38 0.32
CA CYS A 96 6.74 27.27 1.01
C CYS A 96 7.87 26.61 0.23
N LYS A 97 7.74 26.52 -1.11
CA LYS A 97 8.70 25.88 -2.03
C LYS A 97 8.84 24.36 -1.75
N GLN A 98 7.73 23.74 -1.27
CA GLN A 98 7.65 22.32 -0.94
C GLN A 98 6.62 21.60 -1.83
N ALA A 99 5.52 22.29 -2.19
CA ALA A 99 4.48 21.73 -3.05
C ALA A 99 4.81 22.02 -4.52
N PHE A 100 4.69 20.99 -5.38
CA PHE A 100 4.97 21.06 -6.81
C PHE A 100 3.73 20.70 -7.61
N TYR A 101 3.43 21.47 -8.68
CA TYR A 101 2.23 21.29 -9.50
C TYR A 101 2.50 21.24 -11.01
N CYS A 102 1.55 20.66 -11.78
CA CYS A 102 1.61 20.55 -13.24
C CYS A 102 1.58 21.95 -13.88
N ASN A 103 0.65 22.80 -13.42
CA ASN A 103 0.42 24.17 -13.88
C ASN A 103 -0.32 25.00 -12.81
N VAL A 104 -0.77 26.22 -13.18
CA VAL A 104 -1.51 27.14 -12.31
C VAL A 104 -2.88 26.53 -11.92
N GLU A 105 -3.51 25.79 -12.86
CA GLU A 105 -4.80 25.11 -12.66
C GLU A 105 -4.72 24.07 -11.53
N CYS A 106 -3.66 23.24 -11.52
CA CYS A 106 -3.41 22.23 -10.49
C CYS A 106 -3.09 22.89 -9.15
N GLN A 107 -2.39 24.04 -9.18
CA GLN A 107 -1.99 24.84 -8.02
C GLN A 107 -3.22 25.49 -7.35
N LYS A 108 -4.11 26.11 -8.15
CA LYS A 108 -5.31 26.79 -7.67
C LYS A 108 -6.36 25.82 -7.13
N GLU A 109 -6.53 24.65 -7.79
CA GLU A 109 -7.50 23.63 -7.40
C GLU A 109 -7.11 22.88 -6.12
N ASP A 110 -5.80 22.77 -5.84
CA ASP A 110 -5.27 22.10 -4.64
C ASP A 110 -5.15 23.06 -3.45
N TRP A 111 -5.18 24.39 -3.71
CA TRP A 111 -5.08 25.44 -2.68
C TRP A 111 -6.03 25.25 -1.47
N PRO A 112 -7.35 24.92 -1.61
CA PRO A 112 -8.18 24.72 -0.40
C PRO A 112 -7.66 23.66 0.58
N MET A 113 -6.88 22.68 0.07
CA MET A 113 -6.27 21.62 0.87
C MET A 113 -4.82 21.98 1.25
N HIS A 114 -4.08 22.64 0.35
CA HIS A 114 -2.70 23.06 0.56
C HIS A 114 -2.55 24.22 1.57
N LYS A 115 -3.60 25.08 1.70
CA LYS A 115 -3.60 26.22 2.63
C LYS A 115 -3.35 25.83 4.10
N LEU A 116 -3.73 24.58 4.46
CA LEU A 116 -3.57 24.01 5.81
C LEU A 116 -2.11 23.65 6.12
N GLU A 117 -1.25 23.60 5.08
CA GLU A 117 0.16 23.23 5.21
C GLU A 117 1.15 24.30 4.76
N CYS A 118 0.79 25.15 3.76
CA CYS A 118 1.64 26.20 3.18
C CYS A 118 2.29 27.13 4.23
N SER A 119 1.47 27.86 5.02
CA SER A 119 1.97 28.75 6.08
C SER A 119 2.68 27.99 7.22
N PRO A 120 2.11 26.90 7.81
CA PRO A 120 2.85 26.18 8.87
C PRO A 120 4.23 25.64 8.48
N MET A 121 4.43 25.24 7.20
CA MET A 121 5.71 24.73 6.70
C MET A 121 6.83 25.78 6.76
N VAL A 122 6.49 27.07 6.58
CA VAL A 122 7.43 28.19 6.63
C VAL A 122 7.71 28.56 8.10
N VAL A 123 6.64 28.63 8.93
CA VAL A 123 6.68 28.98 10.35
C VAL A 123 7.44 27.93 11.19
N PHE A 124 6.99 26.66 11.14
CA PHE A 124 7.60 25.56 11.90
C PHE A 124 8.95 25.09 11.34
N GLY A 125 9.06 25.03 10.01
CA GLY A 125 10.28 24.60 9.31
C GLY A 125 10.59 23.14 9.51
N GLU A 126 11.72 22.85 10.17
CA GLU A 126 12.18 21.49 10.48
C GLU A 126 11.29 20.84 11.55
N ASN A 127 10.59 21.66 12.35
CA ASN A 127 9.68 21.23 13.41
C ASN A 127 8.31 20.78 12.88
N TRP A 128 8.02 21.05 11.58
CA TRP A 128 6.78 20.63 10.93
C TRP A 128 6.93 19.13 10.60
N ASN A 129 6.36 18.26 11.45
CA ASN A 129 6.45 16.82 11.27
C ASN A 129 5.12 16.06 11.56
N PRO A 130 3.97 16.45 10.96
CA PRO A 130 2.74 15.68 11.23
C PRO A 130 2.71 14.38 10.42
N SER A 131 2.18 13.30 11.02
CA SER A 131 2.07 12.00 10.36
C SER A 131 1.08 12.07 9.19
N GLU A 132 1.21 11.15 8.22
CA GLU A 132 0.34 11.07 7.04
C GLU A 132 -1.14 10.90 7.40
N THR A 133 -1.40 10.23 8.55
CA THR A 133 -2.74 10.01 9.10
C THR A 133 -3.36 11.36 9.48
N VAL A 134 -2.57 12.22 10.17
CA VAL A 134 -2.95 13.58 10.60
C VAL A 134 -3.19 14.46 9.37
N ARG A 135 -2.27 14.37 8.38
CA ARG A 135 -2.33 15.11 7.11
C ARG A 135 -3.63 14.82 6.35
N LEU A 136 -3.99 13.52 6.24
CA LEU A 136 -5.20 13.05 5.56
C LEU A 136 -6.50 13.40 6.30
N THR A 137 -6.53 13.20 7.65
CA THR A 137 -7.69 13.49 8.50
C THR A 137 -8.09 14.97 8.39
N ALA A 138 -7.09 15.86 8.28
CA ALA A 138 -7.29 17.31 8.09
C ALA A 138 -7.99 17.59 6.76
N ARG A 139 -7.63 16.84 5.68
CA ARG A 139 -8.23 16.96 4.34
C ARG A 139 -9.68 16.47 4.36
N ILE A 140 -9.99 15.45 5.19
CA ILE A 140 -11.34 14.89 5.37
C ILE A 140 -12.22 15.93 6.06
N LEU A 141 -11.71 16.57 7.14
CA LEU A 141 -12.39 17.63 7.90
C LEU A 141 -12.65 18.86 7.03
N ALA A 142 -11.73 19.15 6.09
CA ALA A 142 -11.84 20.25 5.13
C ALA A 142 -12.88 19.92 4.05
N LYS A 143 -12.88 18.67 3.55
CA LYS A 143 -13.83 18.18 2.54
C LYS A 143 -15.25 18.11 3.13
N GLN A 144 -15.37 17.78 4.43
CA GLN A 144 -16.64 17.70 5.16
C GLN A 144 -17.27 19.11 5.33
N LYS A 145 -16.42 20.16 5.26
CA LYS A 145 -16.79 21.57 5.37
C LYS A 145 -17.14 22.14 3.98
N ILE A 146 -16.23 21.94 2.98
CA ILE A 146 -16.38 22.41 1.60
C ILE A 146 -17.53 21.68 0.88
N HIS A 147 -17.54 20.34 0.92
CA HIS A 147 -18.54 19.49 0.28
C HIS A 147 -19.27 18.65 1.37
N PRO A 148 -20.24 19.24 2.12
CA PRO A 148 -20.94 18.45 3.16
C PRO A 148 -21.88 17.38 2.59
N GLU A 149 -22.41 17.61 1.38
CA GLU A 149 -23.31 16.68 0.68
C GLU A 149 -22.54 15.48 0.10
N ARG A 150 -23.30 14.44 -0.34
CA ARG A 150 -22.75 13.18 -0.89
C ARG A 150 -21.86 13.42 -2.12
N THR A 151 -20.64 12.84 -2.09
CA THR A 151 -19.62 12.94 -3.14
C THR A 151 -19.70 11.75 -4.13
N PRO A 152 -19.13 11.84 -5.37
CA PRO A 152 -19.17 10.68 -6.29
C PRO A 152 -18.38 9.47 -5.78
N SER A 153 -17.60 9.66 -4.70
CA SER A 153 -16.79 8.66 -4.02
C SER A 153 -17.66 7.87 -3.03
N GLU A 154 -18.87 8.39 -2.71
CA GLU A 154 -19.79 7.81 -1.74
C GLU A 154 -21.10 7.26 -2.35
N LYS A 155 -20.99 6.54 -3.49
CA LYS A 155 -22.15 5.96 -4.18
C LYS A 155 -22.86 4.86 -3.39
N LEU A 156 -22.11 3.96 -2.73
CA LEU A 156 -22.67 2.86 -1.95
C LEU A 156 -22.36 2.94 -0.45
N LEU A 157 -21.19 3.50 -0.08
CA LEU A 157 -20.77 3.66 1.31
C LEU A 157 -20.28 5.10 1.55
N ALA A 158 -20.69 5.71 2.67
CA ALA A 158 -20.32 7.08 3.03
C ALA A 158 -19.28 7.11 4.16
N VAL A 159 -18.48 8.21 4.22
CA VAL A 159 -17.43 8.44 5.24
C VAL A 159 -18.02 8.46 6.66
N LYS A 160 -19.22 9.06 6.82
CA LYS A 160 -19.93 9.13 8.10
C LYS A 160 -20.46 7.76 8.55
N GLU A 161 -20.63 6.82 7.58
CA GLU A 161 -21.13 5.46 7.79
C GLU A 161 -20.01 4.43 8.05
N PHE A 162 -18.72 4.83 7.90
CA PHE A 162 -17.53 4.00 8.08
C PHE A 162 -17.46 3.28 9.43
N GLU A 163 -16.84 2.08 9.45
CA GLU A 163 -16.63 1.28 10.66
C GLU A 163 -15.39 1.80 11.38
N SER A 164 -15.48 1.99 12.71
CA SER A 164 -14.39 2.51 13.54
C SER A 164 -13.81 1.49 14.52
N HIS A 165 -14.63 0.50 14.96
CA HIS A 165 -14.29 -0.53 15.95
C HIS A 165 -13.94 0.08 17.32
N LEU A 166 -14.67 1.15 17.69
CA LEU A 166 -14.54 1.91 18.93
C LEU A 166 -14.66 1.03 20.18
N ASP A 167 -15.56 0.03 20.13
CA ASP A 167 -15.81 -0.95 21.19
C ASP A 167 -14.61 -1.89 21.36
N LYS A 168 -13.87 -2.15 20.26
CA LYS A 168 -12.72 -3.05 20.21
C LYS A 168 -11.36 -2.36 20.47
N LEU A 169 -11.32 -1.00 20.41
CA LEU A 169 -10.11 -0.21 20.61
C LEU A 169 -9.49 -0.39 22.00
N ASP A 170 -8.15 -0.60 22.04
CA ASP A 170 -7.40 -0.79 23.28
C ASP A 170 -6.58 0.46 23.63
N ASN A 171 -5.84 0.42 24.76
CA ASN A 171 -5.00 1.53 25.23
C ASN A 171 -3.90 1.91 24.25
N GLU A 172 -3.23 0.92 23.63
CA GLU A 172 -2.15 1.09 22.64
C GLU A 172 -2.60 1.96 21.47
N LYS A 173 -3.81 1.69 20.93
CA LYS A 173 -4.39 2.43 19.80
C LYS A 173 -4.90 3.79 20.22
N LYS A 174 -5.57 3.88 21.39
CA LYS A 174 -6.09 5.13 21.94
C LYS A 174 -4.97 6.13 22.23
N ASP A 175 -3.78 5.64 22.62
CA ASP A 175 -2.59 6.45 22.87
C ASP A 175 -2.05 7.04 21.55
N LEU A 176 -2.06 6.21 20.48
CA LEU A 176 -1.62 6.62 19.14
C LEU A 176 -2.61 7.62 18.52
N ILE A 177 -3.93 7.38 18.70
CA ILE A 177 -5.01 8.24 18.22
C ILE A 177 -4.94 9.60 18.94
N GLN A 178 -4.70 9.59 20.28
CA GLN A 178 -4.58 10.81 21.09
C GLN A 178 -3.35 11.63 20.69
N SER A 179 -2.24 10.94 20.33
CA SER A 179 -0.99 11.57 19.87
C SER A 179 -1.24 12.25 18.52
N ASP A 180 -2.11 11.64 17.67
CA ASP A 180 -2.51 12.16 16.37
C ASP A 180 -3.44 13.38 16.50
N ILE A 181 -4.40 13.33 17.46
CA ILE A 181 -5.34 14.43 17.76
C ILE A 181 -4.54 15.66 18.23
N ALA A 182 -3.55 15.44 19.11
CA ALA A 182 -2.66 16.47 19.65
C ALA A 182 -1.82 17.11 18.53
N ALA A 183 -1.39 16.30 17.54
CA ALA A 183 -0.63 16.76 16.37
C ALA A 183 -1.52 17.55 15.41
N LEU A 184 -2.79 17.11 15.25
CA LEU A 184 -3.80 17.77 14.40
C LEU A 184 -4.12 19.17 14.94
N HIS A 185 -4.19 19.31 16.27
CA HIS A 185 -4.43 20.58 16.95
C HIS A 185 -3.20 21.49 16.85
N HIS A 186 -2.00 20.90 16.89
CA HIS A 186 -0.73 21.62 16.83
C HIS A 186 -0.38 22.20 15.46
N PHE A 187 -0.80 21.54 14.36
CA PHE A 187 -0.46 21.98 13.00
C PHE A 187 -1.64 22.41 12.10
N TYR A 188 -2.91 22.13 12.48
CA TYR A 188 -4.04 22.45 11.60
C TYR A 188 -5.20 23.26 12.25
N SER A 189 -4.98 23.83 13.45
CA SER A 189 -5.99 24.60 14.16
C SER A 189 -6.18 26.05 13.68
N LYS A 190 -5.45 26.49 12.64
CA LYS A 190 -5.61 27.87 12.16
C LYS A 190 -6.87 28.04 11.29
N HIS A 191 -7.15 27.05 10.41
CA HIS A 191 -8.28 27.10 9.48
C HIS A 191 -9.36 26.03 9.72
N LEU A 192 -9.06 24.98 10.54
CA LEU A 192 -9.99 23.89 10.79
C LEU A 192 -10.59 23.82 12.19
N GLY A 193 -11.91 23.99 12.27
CA GLY A 193 -12.67 23.89 13.50
C GLY A 193 -12.95 22.43 13.80
N PHE A 194 -12.33 21.90 14.87
CA PHE A 194 -12.43 20.49 15.25
C PHE A 194 -13.63 20.16 16.14
N PRO A 195 -14.25 18.95 16.02
CA PRO A 195 -15.35 18.59 16.93
C PRO A 195 -14.80 18.09 18.27
N ASP A 196 -15.67 17.56 19.17
CA ASP A 196 -15.25 17.05 20.47
C ASP A 196 -14.28 15.87 20.33
N ASN A 197 -13.39 15.67 21.33
CA ASN A 197 -12.36 14.63 21.35
C ASN A 197 -12.86 13.24 20.95
N ASP A 198 -14.04 12.84 21.46
CA ASP A 198 -14.66 11.53 21.16
C ASP A 198 -15.01 11.37 19.68
N SER A 199 -15.41 12.46 19.00
CA SER A 199 -15.73 12.46 17.56
C SER A 199 -14.44 12.30 16.74
N LEU A 200 -13.32 12.87 17.21
CA LEU A 200 -12.00 12.77 16.56
C LEU A 200 -11.40 11.37 16.75
N VAL A 201 -11.70 10.71 17.89
CA VAL A 201 -11.25 9.35 18.20
C VAL A 201 -11.88 8.39 17.17
N VAL A 202 -13.19 8.56 16.90
CA VAL A 202 -13.97 7.78 15.93
C VAL A 202 -13.43 8.02 14.51
N LEU A 203 -13.22 9.30 14.12
CA LEU A 203 -12.72 9.70 12.81
C LEU A 203 -11.32 9.12 12.51
N PHE A 204 -10.37 9.21 13.46
CA PHE A 204 -9.01 8.68 13.29
C PHE A 204 -9.02 7.14 13.19
N ALA A 205 -9.95 6.49 13.92
CA ALA A 205 -10.14 5.03 13.90
C ALA A 205 -10.73 4.60 12.56
N GLN A 206 -11.58 5.45 11.94
CA GLN A 206 -12.20 5.22 10.64
C GLN A 206 -11.15 5.32 9.52
N VAL A 207 -10.18 6.25 9.68
CA VAL A 207 -9.07 6.50 8.75
C VAL A 207 -8.12 5.28 8.75
N ASN A 208 -7.90 4.65 9.91
CA ASN A 208 -7.05 3.47 10.03
C ASN A 208 -7.73 2.22 9.47
N CYS A 209 -9.05 2.06 9.74
CA CYS A 209 -9.84 0.92 9.31
C CYS A 209 -10.17 0.93 7.80
N ASN A 210 -10.49 2.12 7.24
CA ASN A 210 -10.90 2.25 5.84
C ASN A 210 -9.90 2.98 4.91
N GLY A 211 -8.80 3.50 5.48
CA GLY A 211 -7.79 4.23 4.73
C GLY A 211 -6.95 3.41 3.78
N PHE A 212 -6.57 4.01 2.63
CA PHE A 212 -5.77 3.40 1.57
C PHE A 212 -4.44 4.12 1.38
N THR A 213 -3.48 3.45 0.72
CA THR A 213 -2.17 4.01 0.36
C THR A 213 -1.97 3.89 -1.15
N ILE A 214 -1.86 5.05 -1.84
CA ILE A 214 -1.64 5.09 -3.29
C ILE A 214 -0.19 4.72 -3.58
N GLU A 215 0.00 3.71 -4.44
CA GLU A 215 1.32 3.20 -4.84
C GLU A 215 1.46 3.19 -6.36
N ASP A 216 2.68 3.43 -6.86
CA ASP A 216 2.98 3.44 -8.30
C ASP A 216 3.18 2.03 -8.88
N GLU A 217 3.67 1.94 -10.13
CA GLU A 217 3.94 0.68 -10.85
C GLU A 217 5.02 -0.19 -10.18
N GLU A 218 5.96 0.45 -9.45
CA GLU A 218 7.05 -0.21 -8.72
C GLU A 218 6.67 -0.44 -7.24
N LEU A 219 5.38 -0.20 -6.91
CA LEU A 219 4.76 -0.31 -5.58
C LEU A 219 5.42 0.61 -4.53
N SER A 220 6.01 1.74 -4.98
CA SER A 220 6.62 2.74 -4.11
C SER A 220 5.49 3.59 -3.53
N HIS A 221 5.55 3.85 -2.21
CA HIS A 221 4.55 4.63 -1.49
C HIS A 221 4.50 6.08 -1.98
N LEU A 222 3.36 6.48 -2.58
CA LEU A 222 3.16 7.83 -3.12
C LEU A 222 2.36 8.74 -2.17
N GLY A 223 1.44 8.14 -1.42
CA GLY A 223 0.60 8.87 -0.48
C GLY A 223 -0.54 8.08 0.12
N SER A 224 -1.42 8.76 0.87
CA SER A 224 -2.58 8.17 1.53
C SER A 224 -3.88 8.81 1.05
N ALA A 225 -4.95 8.01 0.92
CA ALA A 225 -6.25 8.48 0.44
C ALA A 225 -7.47 7.75 1.03
N ILE A 226 -8.68 8.27 0.73
CA ILE A 226 -9.97 7.71 1.16
C ILE A 226 -10.84 7.43 -0.08
N PHE A 227 -11.19 6.15 -0.28
CA PHE A 227 -12.04 5.69 -1.36
C PHE A 227 -13.20 4.91 -0.71
N PRO A 228 -14.30 5.62 -0.33
CA PRO A 228 -15.40 4.94 0.38
C PRO A 228 -16.04 3.76 -0.33
N ASP A 229 -16.25 3.84 -1.66
CA ASP A 229 -16.85 2.75 -2.45
C ASP A 229 -15.95 1.52 -2.51
N VAL A 230 -14.63 1.72 -2.58
CA VAL A 230 -13.61 0.66 -2.62
C VAL A 230 -13.48 0.05 -1.20
N ALA A 231 -13.64 0.88 -0.15
CA ALA A 231 -13.59 0.48 1.26
C ALA A 231 -14.70 -0.50 1.68
N LEU A 232 -15.76 -0.63 0.86
CA LEU A 232 -16.89 -1.53 1.09
C LEU A 232 -16.52 -3.01 0.92
N MET A 233 -15.50 -3.30 0.09
CA MET A 233 -15.02 -4.66 -0.19
C MET A 233 -14.32 -5.27 1.01
N ASN A 234 -14.67 -6.53 1.33
CA ASN A 234 -14.10 -7.29 2.45
C ASN A 234 -12.78 -7.99 2.06
N HIS A 235 -12.08 -8.59 3.04
CA HIS A 235 -10.80 -9.26 2.83
C HIS A 235 -10.88 -10.77 2.61
N SER A 236 -9.92 -11.29 1.82
CA SER A 236 -9.69 -12.69 1.50
C SER A 236 -8.25 -12.86 1.01
N CYS A 237 -7.57 -13.94 1.43
CA CYS A 237 -6.20 -14.23 1.00
C CYS A 237 -6.20 -14.83 -0.42
N CYS A 238 -7.42 -15.11 -0.94
CA CYS A 238 -7.70 -15.57 -2.30
C CYS A 238 -8.60 -14.44 -2.87
N PRO A 239 -8.05 -13.26 -3.21
CA PRO A 239 -8.92 -12.18 -3.68
C PRO A 239 -9.35 -12.32 -5.14
N ASN A 240 -10.58 -11.92 -5.45
CA ASN A 240 -11.12 -11.96 -6.81
C ASN A 240 -10.86 -10.65 -7.56
N VAL A 241 -10.51 -9.57 -6.83
CA VAL A 241 -10.22 -8.25 -7.41
C VAL A 241 -8.87 -7.66 -6.92
N ILE A 242 -8.42 -6.59 -7.58
CA ILE A 242 -7.19 -5.86 -7.29
C ILE A 242 -7.43 -4.35 -7.44
N VAL A 243 -6.81 -3.54 -6.57
CA VAL A 243 -6.95 -2.08 -6.62
C VAL A 243 -5.66 -1.45 -7.15
N THR A 244 -5.78 -0.82 -8.32
CA THR A 244 -4.69 -0.07 -8.98
C THR A 244 -5.08 1.40 -9.00
N TYR A 245 -4.13 2.30 -9.32
CA TYR A 245 -4.42 3.73 -9.30
C TYR A 245 -4.08 4.43 -10.61
N LYS A 246 -4.95 5.37 -11.00
CA LYS A 246 -4.82 6.21 -12.19
C LYS A 246 -4.84 7.64 -11.66
N GLY A 247 -3.69 8.07 -11.15
CA GLY A 247 -3.53 9.36 -10.51
C GLY A 247 -4.09 9.29 -9.11
N THR A 248 -5.25 9.93 -8.89
CA THR A 248 -5.97 9.92 -7.59
C THR A 248 -7.22 9.04 -7.66
N LEU A 249 -7.51 8.47 -8.85
CA LEU A 249 -8.66 7.60 -9.10
C LEU A 249 -8.28 6.13 -8.88
N ALA A 250 -9.00 5.44 -7.99
CA ALA A 250 -8.77 4.01 -7.72
C ALA A 250 -9.56 3.17 -8.70
N GLU A 251 -8.91 2.18 -9.31
CA GLU A 251 -9.54 1.29 -10.29
C GLU A 251 -9.55 -0.15 -9.77
N VAL A 252 -10.74 -0.76 -9.73
CA VAL A 252 -10.95 -2.13 -9.24
C VAL A 252 -11.17 -3.08 -10.43
N ARG A 253 -10.21 -4.00 -10.66
CA ARG A 253 -10.24 -4.98 -11.74
C ARG A 253 -10.16 -6.41 -11.22
N ALA A 254 -10.83 -7.35 -11.92
CA ALA A 254 -10.89 -8.76 -11.56
C ALA A 254 -9.63 -9.56 -11.91
N VAL A 255 -9.20 -10.40 -10.97
CA VAL A 255 -8.05 -11.31 -11.11
C VAL A 255 -8.53 -12.78 -11.12
N GLN A 256 -9.84 -12.97 -10.88
CA GLN A 256 -10.55 -14.26 -10.87
C GLN A 256 -11.93 -14.08 -11.52
N GLU A 257 -12.55 -15.19 -11.99
CA GLU A 257 -13.88 -15.18 -12.59
C GLU A 257 -14.92 -14.93 -11.49
N ILE A 258 -15.70 -13.85 -11.63
CA ILE A 258 -16.75 -13.50 -10.67
C ILE A 258 -18.11 -13.72 -11.33
N LYS A 259 -18.98 -14.49 -10.66
CA LYS A 259 -20.33 -14.81 -11.12
C LYS A 259 -21.36 -13.94 -10.39
N PRO A 260 -22.55 -13.62 -10.99
CA PRO A 260 -23.54 -12.83 -10.24
C PRO A 260 -23.93 -13.52 -8.92
N GLY A 261 -23.99 -12.74 -7.84
CA GLY A 261 -24.29 -13.24 -6.51
C GLY A 261 -23.07 -13.49 -5.66
N GLU A 262 -21.89 -13.67 -6.29
CA GLU A 262 -20.61 -13.89 -5.63
C GLU A 262 -20.16 -12.61 -4.95
N GLU A 263 -19.56 -12.72 -3.76
CA GLU A 263 -19.06 -11.55 -3.04
C GLU A 263 -17.72 -11.10 -3.64
N VAL A 264 -17.49 -9.78 -3.64
CA VAL A 264 -16.28 -9.16 -4.17
C VAL A 264 -15.26 -9.01 -3.02
N PHE A 265 -14.12 -9.70 -3.15
CA PHE A 265 -13.05 -9.70 -2.14
C PHE A 265 -11.72 -9.16 -2.67
N THR A 266 -11.03 -8.38 -1.83
CA THR A 266 -9.71 -7.80 -2.10
C THR A 266 -8.74 -8.20 -0.97
N SER A 267 -7.42 -8.00 -1.17
CA SER A 267 -6.44 -8.32 -0.13
C SER A 267 -5.99 -7.06 0.59
N TYR A 268 -6.13 -7.06 1.94
CA TYR A 268 -5.77 -5.94 2.82
C TYR A 268 -4.29 -5.98 3.20
N ILE A 269 -3.62 -7.12 2.97
CA ILE A 269 -2.23 -7.36 3.38
C ILE A 269 -1.35 -8.03 2.32
N ASP A 270 -0.02 -8.04 2.57
CA ASP A 270 0.99 -8.68 1.73
C ASP A 270 0.82 -10.20 1.88
N LEU A 271 0.53 -10.89 0.76
CA LEU A 271 0.24 -12.33 0.73
C LEU A 271 1.47 -13.27 0.74
N LEU A 272 2.68 -12.71 0.83
CA LEU A 272 3.94 -13.48 0.87
C LEU A 272 4.11 -14.27 2.18
N TYR A 273 3.63 -13.70 3.30
CA TYR A 273 3.77 -14.22 4.65
C TYR A 273 2.79 -15.35 5.01
N PRO A 274 3.17 -16.28 5.93
CA PRO A 274 2.26 -17.40 6.27
C PRO A 274 1.01 -16.98 7.05
N THR A 275 0.04 -17.92 7.19
CA THR A 275 -1.26 -17.79 7.86
C THR A 275 -1.18 -17.08 9.23
N GLU A 276 -0.18 -17.43 10.08
CA GLU A 276 0.01 -16.82 11.39
C GLU A 276 0.32 -15.33 11.27
N ASP A 277 1.38 -14.97 10.49
CA ASP A 277 1.81 -13.59 10.25
C ASP A 277 0.71 -12.73 9.60
N ARG A 278 -0.08 -13.35 8.70
CA ARG A 278 -1.19 -12.71 7.99
C ARG A 278 -2.33 -12.35 8.95
N ASN A 279 -2.80 -13.33 9.74
CA ASN A 279 -3.90 -13.17 10.69
C ASN A 279 -3.55 -12.30 11.89
N ASP A 280 -2.26 -12.27 12.30
CA ASP A 280 -1.82 -11.43 13.42
C ASP A 280 -1.94 -9.96 13.05
N ARG A 281 -1.67 -9.62 11.78
CA ARG A 281 -1.78 -8.27 11.23
C ARG A 281 -3.27 -7.89 11.05
N LEU A 282 -4.11 -8.85 10.60
CA LEU A 282 -5.55 -8.63 10.40
C LEU A 282 -6.28 -8.43 11.73
N ARG A 283 -5.83 -9.11 12.80
CA ARG A 283 -6.39 -8.98 14.15
C ARG A 283 -5.97 -7.66 14.78
N ASP A 284 -4.71 -7.24 14.53
CA ASP A 284 -4.15 -6.00 15.06
C ASP A 284 -4.66 -4.76 14.34
N SER A 285 -4.74 -4.78 13.00
CA SER A 285 -5.15 -3.61 12.22
C SER A 285 -6.64 -3.52 11.90
N TYR A 286 -7.34 -4.67 11.70
CA TYR A 286 -8.76 -4.64 11.32
C TYR A 286 -9.68 -5.49 12.24
N PHE A 287 -9.14 -5.98 13.37
CA PHE A 287 -9.85 -6.74 14.42
C PHE A 287 -10.65 -7.97 13.92
N PHE A 288 -10.05 -8.77 13.03
CA PHE A 288 -10.70 -9.99 12.53
C PHE A 288 -9.70 -11.10 12.20
N THR A 289 -10.21 -12.34 12.08
CA THR A 289 -9.44 -13.53 11.73
C THR A 289 -10.02 -14.08 10.42
N CYS A 290 -9.19 -14.09 9.36
CA CYS A 290 -9.56 -14.58 8.04
C CYS A 290 -9.74 -16.10 8.04
N GLU A 291 -10.85 -16.57 7.47
CA GLU A 291 -11.19 -18.00 7.40
C GLU A 291 -11.33 -18.51 5.94
N CYS A 292 -10.59 -17.87 5.00
CA CYS A 292 -10.58 -18.23 3.59
C CYS A 292 -9.85 -19.58 3.34
N GLN A 293 -9.86 -20.07 2.09
CA GLN A 293 -9.23 -21.33 1.68
C GLN A 293 -7.75 -21.44 2.03
N GLU A 294 -6.95 -20.39 1.78
CA GLU A 294 -5.51 -20.37 2.09
C GLU A 294 -5.25 -20.34 3.61
N CYS A 295 -6.15 -19.70 4.38
CA CYS A 295 -6.06 -19.61 5.84
C CYS A 295 -6.48 -20.92 6.52
N THR A 296 -7.51 -21.58 5.98
CA THR A 296 -8.06 -22.84 6.49
C THR A 296 -7.11 -24.01 6.25
N THR A 297 -6.69 -24.21 4.98
CA THR A 297 -5.81 -25.31 4.58
C THR A 297 -4.35 -25.13 5.04
N LYS A 298 -3.85 -23.87 5.10
CA LYS A 298 -2.46 -23.50 5.46
C LYS A 298 -1.46 -24.15 4.48
N ASP A 299 -1.94 -24.41 3.25
CA ASP A 299 -1.28 -25.07 2.13
C ASP A 299 0.11 -24.53 1.77
N LYS A 300 0.29 -23.20 1.78
CA LYS A 300 1.55 -22.56 1.39
C LYS A 300 2.52 -22.24 2.55
N ASP A 301 2.09 -22.41 3.82
CA ASP A 301 2.89 -22.15 5.02
C ASP A 301 4.25 -22.85 5.07
N LYS A 302 4.30 -24.13 4.65
CA LYS A 302 5.50 -24.97 4.64
C LYS A 302 6.62 -24.42 3.74
N ALA A 303 6.29 -24.07 2.48
CA ALA A 303 7.23 -23.53 1.50
C ALA A 303 7.67 -22.11 1.88
N LYS A 304 6.78 -21.36 2.56
CA LYS A 304 7.01 -19.98 3.02
C LYS A 304 8.08 -19.94 4.12
N VAL A 305 7.99 -20.85 5.12
CA VAL A 305 8.97 -20.94 6.22
C VAL A 305 9.84 -22.19 5.98
N GLU A 306 10.53 -22.22 4.82
CA GLU A 306 11.39 -23.32 4.38
C GLU A 306 12.71 -23.37 5.16
N ILE A 307 13.02 -24.55 5.71
CA ILE A 307 14.25 -24.84 6.47
C ILE A 307 15.20 -25.58 5.53
N ARG A 308 16.51 -25.30 5.65
CA ARG A 308 17.59 -25.93 4.88
C ARG A 308 17.68 -27.44 5.15
N LYS A 309 18.24 -28.20 4.19
CA LYS A 309 18.41 -29.65 4.33
C LYS A 309 19.78 -29.96 4.93
N LEU A 310 19.87 -29.86 6.28
CA LEU A 310 21.10 -30.08 7.05
C LEU A 310 21.28 -31.52 7.51
N SER A 311 22.55 -31.91 7.76
CA SER A 311 22.92 -33.21 8.31
C SER A 311 22.89 -33.08 9.84
N ASP A 312 23.23 -31.89 10.35
CA ASP A 312 23.19 -31.53 11.77
C ASP A 312 22.20 -30.35 11.91
N PRO A 313 20.86 -30.61 11.91
CA PRO A 313 19.91 -29.50 11.99
C PRO A 313 19.67 -28.97 13.40
N PRO A 314 19.20 -27.71 13.57
CA PRO A 314 18.93 -27.21 14.93
C PRO A 314 17.64 -27.82 15.50
N LYS A 315 17.43 -27.68 16.82
CA LYS A 315 16.25 -28.19 17.53
C LYS A 315 14.97 -27.50 17.04
N ALA A 316 13.80 -28.13 17.27
CA ALA A 316 12.49 -27.59 16.89
C ALA A 316 12.21 -26.25 17.59
N GLU A 317 12.76 -26.07 18.81
CA GLU A 317 12.66 -24.85 19.61
C GLU A 317 13.59 -23.77 19.06
N ALA A 318 14.76 -24.18 18.53
CA ALA A 318 15.78 -23.29 17.94
C ALA A 318 15.29 -22.67 16.63
N ILE A 319 14.49 -23.41 15.85
CA ILE A 319 13.88 -22.97 14.59
C ILE A 319 12.82 -21.92 14.92
N ARG A 320 12.02 -22.18 15.98
CA ARG A 320 10.96 -21.32 16.52
C ARG A 320 11.56 -19.98 16.99
N ASP A 321 12.79 -20.00 17.54
CA ASP A 321 13.54 -18.84 18.01
C ASP A 321 13.96 -17.93 16.85
N MET A 322 14.36 -18.53 15.71
CA MET A 322 14.78 -17.79 14.51
C MET A 322 13.60 -17.10 13.84
N VAL A 323 12.40 -17.74 13.85
CA VAL A 323 11.16 -17.18 13.29
C VAL A 323 10.80 -15.93 14.11
N ARG A 324 10.89 -16.04 15.45
CA ARG A 324 10.65 -14.97 16.43
C ARG A 324 11.61 -13.81 16.18
N TYR A 325 12.92 -14.12 15.95
CA TYR A 325 13.97 -13.14 15.66
C TYR A 325 13.68 -12.41 14.35
N ALA A 326 13.38 -13.17 13.27
CA ALA A 326 13.06 -12.66 11.94
C ALA A 326 11.87 -11.72 11.95
N ARG A 327 10.80 -12.09 12.68
CA ARG A 327 9.58 -11.30 12.83
C ARG A 327 9.86 -9.98 13.56
N ASN A 328 10.75 -10.02 14.57
CA ASN A 328 11.16 -8.84 15.34
C ASN A 328 12.10 -7.95 14.51
N VAL A 329 12.95 -8.57 13.66
CA VAL A 329 13.89 -7.88 12.76
C VAL A 329 13.11 -7.11 11.68
N ILE A 330 11.98 -7.67 11.20
CA ILE A 330 11.10 -7.05 10.19
C ILE A 330 10.40 -5.82 10.80
N GLU A 331 9.86 -5.97 12.04
CA GLU A 331 9.20 -4.88 12.75
C GLU A 331 10.16 -3.78 13.17
N GLU A 332 11.41 -4.14 13.53
CA GLU A 332 12.44 -3.16 13.91
C GLU A 332 12.88 -2.35 12.69
N PHE A 333 13.01 -3.01 11.52
CA PHE A 333 13.39 -2.36 10.26
C PHE A 333 12.30 -1.40 9.79
N ARG A 334 11.02 -1.72 10.07
CA ARG A 334 9.86 -0.90 9.71
C ARG A 334 9.93 0.48 10.38
N ARG A 335 10.27 0.51 11.68
CA ARG A 335 10.41 1.76 12.44
C ARG A 335 11.76 2.46 12.21
N ALA A 336 12.84 1.69 11.97
CA ALA A 336 14.19 2.22 11.72
C ALA A 336 14.31 2.92 10.36
N LYS A 337 13.51 2.47 9.36
CA LYS A 337 13.45 3.00 7.99
C LYS A 337 13.27 4.52 7.91
N HIS A 338 12.43 5.07 8.81
CA HIS A 338 12.04 6.48 8.85
C HIS A 338 13.09 7.43 9.47
N TYR A 339 14.14 6.91 10.16
CA TYR A 339 15.14 7.80 10.75
C TYR A 339 16.60 7.37 10.52
N LYS A 340 16.90 6.05 10.52
CA LYS A 340 18.26 5.53 10.33
C LYS A 340 18.80 5.76 8.92
N SER A 341 20.12 6.02 8.82
CA SER A 341 20.82 6.27 7.56
C SER A 341 20.90 5.00 6.70
N PRO A 342 20.81 5.11 5.34
CA PRO A 342 20.86 3.90 4.48
C PRO A 342 22.02 2.93 4.74
N SER A 343 23.20 3.45 5.14
CA SER A 343 24.39 2.65 5.47
C SER A 343 24.12 1.76 6.69
N GLU A 344 23.37 2.28 7.68
CA GLU A 344 22.97 1.54 8.89
C GLU A 344 21.91 0.50 8.55
N LEU A 345 20.90 0.88 7.73
CA LEU A 345 19.79 0.02 7.29
C LEU A 345 20.28 -1.18 6.49
N LEU A 346 21.27 -0.97 5.59
CA LEU A 346 21.89 -2.00 4.76
C LEU A 346 22.64 -3.02 5.62
N GLU A 347 23.24 -2.55 6.73
CA GLU A 347 23.98 -3.36 7.70
C GLU A 347 23.06 -4.32 8.44
N ILE A 348 21.83 -3.89 8.84
CA ILE A 348 20.85 -4.76 9.52
C ILE A 348 20.37 -5.83 8.54
N CYS A 349 20.12 -5.45 7.26
CA CYS A 349 19.70 -6.37 6.20
C CYS A 349 20.73 -7.48 5.99
N GLU A 350 22.03 -7.12 5.93
CA GLU A 350 23.15 -8.03 5.74
C GLU A 350 23.36 -8.93 6.97
N LEU A 351 23.37 -8.34 8.18
CA LEU A 351 23.57 -9.08 9.45
C LEU A 351 22.43 -10.05 9.74
N SER A 352 21.17 -9.65 9.45
CA SER A 352 19.98 -10.50 9.64
C SER A 352 20.02 -11.69 8.71
N GLN A 353 20.36 -11.45 7.41
CA GLN A 353 20.47 -12.47 6.37
C GLN A 353 21.49 -13.54 6.73
N GLU A 354 22.67 -13.13 7.26
CA GLU A 354 23.74 -14.05 7.67
C GLU A 354 23.32 -14.96 8.83
N LYS A 355 22.63 -14.40 9.85
CA LYS A 355 22.15 -15.18 11.01
C LYS A 355 21.03 -16.14 10.60
N MET A 356 20.07 -15.67 9.77
CA MET A 356 18.94 -16.48 9.30
C MET A 356 19.39 -17.57 8.32
N SER A 357 20.40 -17.28 7.46
CA SER A 357 20.95 -18.21 6.46
C SER A 357 21.51 -19.52 7.02
N SER A 358 21.85 -19.54 8.32
CA SER A 358 22.37 -20.73 9.00
C SER A 358 21.32 -21.85 9.09
N VAL A 359 20.02 -21.47 9.15
CA VAL A 359 18.90 -22.42 9.25
C VAL A 359 17.88 -22.27 8.10
N PHE A 360 17.56 -21.02 7.70
CA PHE A 360 16.59 -20.72 6.64
C PHE A 360 17.18 -20.77 5.23
N GLU A 361 16.38 -21.27 4.28
CA GLU A 361 16.73 -21.37 2.85
C GLU A 361 16.61 -19.98 2.20
N ASP A 362 17.15 -19.80 0.98
CA ASP A 362 17.07 -18.54 0.24
C ASP A 362 15.64 -18.23 -0.21
N SER A 363 14.81 -19.28 -0.39
CA SER A 363 13.40 -19.20 -0.79
C SER A 363 12.49 -18.83 0.39
N ASN A 364 13.02 -18.87 1.63
CA ASN A 364 12.28 -18.54 2.86
C ASN A 364 11.83 -17.07 2.81
N VAL A 365 10.56 -16.86 3.15
CA VAL A 365 9.87 -15.57 3.15
C VAL A 365 10.54 -14.53 4.06
N TYR A 366 11.06 -14.97 5.23
CA TYR A 366 11.76 -14.09 6.17
C TYR A 366 13.10 -13.62 5.59
N MET A 367 13.76 -14.47 4.79
CA MET A 367 15.01 -14.16 4.10
C MET A 367 14.70 -13.21 2.94
N LEU A 368 13.59 -13.46 2.20
CA LEU A 368 13.13 -12.65 1.06
C LEU A 368 12.83 -11.20 1.43
N HIS A 369 12.25 -10.96 2.63
CA HIS A 369 11.94 -9.62 3.13
C HIS A 369 13.21 -8.78 3.26
N MET A 370 14.25 -9.33 3.92
CA MET A 370 15.52 -8.64 4.12
C MET A 370 16.30 -8.47 2.81
N MET A 371 16.09 -9.39 1.84
CA MET A 371 16.69 -9.33 0.51
C MET A 371 16.02 -8.19 -0.28
N TYR A 372 14.68 -8.05 -0.12
CA TYR A 372 13.86 -7.00 -0.75
C TYR A 372 14.24 -5.63 -0.21
N GLN A 373 14.40 -5.53 1.12
CA GLN A 373 14.77 -4.29 1.81
C GLN A 373 16.19 -3.86 1.42
N ALA A 374 17.12 -4.83 1.27
CA ALA A 374 18.50 -4.59 0.86
C ALA A 374 18.54 -4.10 -0.59
N MET A 375 17.65 -4.62 -1.45
CA MET A 375 17.52 -4.22 -2.86
C MET A 375 17.05 -2.76 -2.92
N GLY A 376 16.09 -2.42 -2.06
CA GLY A 376 15.54 -1.07 -1.94
C GLY A 376 16.57 -0.05 -1.48
N VAL A 377 17.45 -0.47 -0.53
CA VAL A 377 18.54 0.36 0.00
C VAL A 377 19.59 0.57 -1.11
N CYS A 378 19.95 -0.52 -1.83
CA CYS A 378 20.90 -0.51 -2.96
C CYS A 378 20.46 0.45 -4.07
N LEU A 379 19.14 0.55 -4.32
CA LEU A 379 18.56 1.44 -5.32
C LEU A 379 18.70 2.91 -4.94
N TYR A 380 18.55 3.23 -3.62
CA TYR A 380 18.71 4.58 -3.09
C TYR A 380 20.19 4.98 -3.19
N MET A 381 21.09 4.03 -2.88
CA MET A 381 22.54 4.21 -2.93
C MET A 381 23.08 4.17 -4.38
N GLN A 382 22.15 4.00 -5.36
CA GLN A 382 22.37 3.95 -6.80
C GLN A 382 23.36 2.84 -7.23
N ASP A 383 23.42 1.75 -6.43
CA ASP A 383 24.23 0.57 -6.68
C ASP A 383 23.33 -0.40 -7.47
N TRP A 384 23.39 -0.30 -8.81
CA TRP A 384 22.56 -1.07 -9.74
C TRP A 384 22.92 -2.55 -9.77
N GLU A 385 24.23 -2.90 -9.79
CA GLU A 385 24.72 -4.28 -9.78
C GLU A 385 24.36 -5.00 -8.47
N GLY A 386 24.37 -4.24 -7.36
CA GLY A 386 24.01 -4.73 -6.04
C GLY A 386 22.53 -5.06 -5.95
N ALA A 387 21.67 -4.13 -6.43
CA ALA A 387 20.22 -4.28 -6.47
C ALA A 387 19.79 -5.40 -7.43
N LEU A 388 20.53 -5.57 -8.55
CA LEU A 388 20.25 -6.62 -9.55
C LEU A 388 20.55 -8.00 -8.99
N GLN A 389 21.65 -8.12 -8.20
CA GLN A 389 22.06 -9.37 -7.54
C GLN A 389 20.95 -9.91 -6.62
N TYR A 390 20.29 -9.01 -5.86
CA TYR A 390 19.19 -9.36 -4.96
C TYR A 390 17.93 -9.74 -5.75
N GLY A 391 17.50 -8.88 -6.67
CA GLY A 391 16.33 -9.06 -7.53
C GLY A 391 16.29 -10.38 -8.26
N GLN A 392 17.47 -10.86 -8.72
CA GLN A 392 17.65 -12.12 -9.43
C GLN A 392 17.41 -13.34 -8.52
N LYS A 393 17.59 -13.16 -7.19
CA LYS A 393 17.39 -14.19 -6.17
C LYS A 393 15.98 -14.14 -5.55
N ILE A 394 15.29 -12.99 -5.65
CA ILE A 394 13.96 -12.73 -5.09
C ILE A 394 12.81 -13.20 -6.00
N ILE A 395 12.91 -12.96 -7.33
CA ILE A 395 11.88 -13.20 -8.33
C ILE A 395 11.32 -14.65 -8.41
N LYS A 396 12.16 -15.71 -8.47
CA LYS A 396 11.67 -17.09 -8.57
C LYS A 396 10.86 -17.50 -7.32
N PRO A 397 11.33 -17.33 -6.05
CA PRO A 397 10.46 -17.67 -4.91
C PRO A 397 9.21 -16.78 -4.81
N TYR A 398 9.30 -15.51 -5.28
CA TYR A 398 8.20 -14.54 -5.29
C TYR A 398 7.04 -15.05 -6.16
N SER A 399 7.36 -15.51 -7.40
CA SER A 399 6.39 -16.07 -8.36
C SER A 399 5.68 -17.31 -7.78
N LYS A 400 6.40 -18.08 -6.94
CA LYS A 400 5.91 -19.29 -6.28
C LYS A 400 4.96 -18.98 -5.12
N HIS A 401 5.39 -18.11 -4.18
CA HIS A 401 4.63 -17.74 -2.98
C HIS A 401 3.39 -16.86 -3.25
N TYR A 402 3.50 -15.88 -4.16
CA TYR A 402 2.40 -14.97 -4.49
C TYR A 402 1.36 -15.60 -5.42
N PRO A 403 0.07 -15.16 -5.37
CA PRO A 403 -0.93 -15.73 -6.31
C PRO A 403 -0.74 -15.22 -7.74
N LEU A 404 -1.54 -15.74 -8.69
CA LEU A 404 -1.50 -15.33 -10.09
C LEU A 404 -2.01 -13.89 -10.21
N TYR A 405 -1.33 -13.08 -11.05
CA TYR A 405 -1.60 -11.65 -11.30
C TYR A 405 -1.31 -10.75 -10.07
N SER A 406 -0.25 -11.08 -9.30
CA SER A 406 0.16 -10.31 -8.12
C SER A 406 0.98 -9.09 -8.54
N LEU A 407 0.68 -7.92 -7.94
CA LEU A 407 1.38 -6.66 -8.22
C LEU A 407 2.82 -6.65 -7.69
N ASN A 408 3.10 -7.42 -6.62
CA ASN A 408 4.42 -7.55 -6.01
C ASN A 408 5.39 -8.28 -6.94
N VAL A 409 4.88 -9.27 -7.71
CA VAL A 409 5.64 -10.03 -8.70
C VAL A 409 5.85 -9.13 -9.93
N ALA A 410 4.78 -8.44 -10.37
CA ALA A 410 4.76 -7.50 -11.51
C ALA A 410 5.77 -6.39 -11.34
N SER A 411 5.83 -5.79 -10.12
CA SER A 411 6.76 -4.70 -9.78
C SER A 411 8.21 -5.22 -9.68
N MET A 412 8.39 -6.50 -9.31
CA MET A 412 9.71 -7.12 -9.21
C MET A 412 10.31 -7.36 -10.60
N TRP A 413 9.47 -7.80 -11.58
CA TRP A 413 9.88 -7.99 -12.98
C TRP A 413 10.20 -6.63 -13.59
N LEU A 414 9.42 -5.60 -13.19
CA LEU A 414 9.55 -4.21 -13.61
C LEU A 414 10.85 -3.59 -13.08
N LYS A 415 11.24 -3.93 -11.84
CA LYS A 415 12.48 -3.47 -11.21
C LYS A 415 13.67 -4.12 -11.92
N LEU A 416 13.60 -5.45 -12.16
CA LEU A 416 14.63 -6.23 -12.85
C LEU A 416 14.85 -5.74 -14.28
N GLY A 417 13.75 -5.57 -15.02
CA GLY A 417 13.74 -5.08 -16.39
C GLY A 417 14.42 -3.74 -16.55
N ARG A 418 14.04 -2.77 -15.70
CA ARG A 418 14.61 -1.42 -15.68
C ARG A 418 16.08 -1.42 -15.26
N LEU A 419 16.47 -2.36 -14.38
CA LEU A 419 17.86 -2.51 -13.93
C LEU A 419 18.72 -3.15 -15.03
N TYR A 420 18.13 -4.09 -15.81
CA TYR A 420 18.80 -4.75 -16.94
C TYR A 420 18.98 -3.75 -18.09
N MET A 421 17.91 -2.96 -18.40
CA MET A 421 17.92 -1.94 -19.47
C MET A 421 18.96 -0.85 -19.22
N GLY A 422 19.03 -0.39 -17.97
CA GLY A 422 19.96 0.64 -17.51
C GLY A 422 21.41 0.19 -17.55
N LEU A 423 21.66 -1.10 -17.29
CA LEU A 423 23.01 -1.71 -17.31
C LEU A 423 23.36 -2.30 -18.69
N GLU A 424 22.64 -1.84 -19.74
CA GLU A 424 22.80 -2.18 -21.17
C GLU A 424 22.58 -3.68 -21.51
N HIS A 425 21.92 -4.45 -20.61
CA HIS A 425 21.58 -5.85 -20.83
C HIS A 425 20.12 -5.87 -21.32
N LYS A 426 19.92 -5.32 -22.54
CA LYS A 426 18.63 -5.11 -23.20
C LYS A 426 17.85 -6.37 -23.56
N ALA A 427 18.51 -7.54 -23.68
CA ALA A 427 17.84 -8.80 -24.00
C ALA A 427 17.06 -9.33 -22.77
N ALA A 428 17.70 -9.29 -21.58
CA ALA A 428 17.11 -9.72 -20.31
C ALA A 428 16.04 -8.74 -19.81
N GLY A 429 16.22 -7.45 -20.13
CA GLY A 429 15.30 -6.38 -19.77
C GLY A 429 13.96 -6.50 -20.48
N GLU A 430 14.01 -6.74 -21.81
CA GLU A 430 12.85 -6.91 -22.69
C GLU A 430 11.95 -8.06 -22.22
N LYS A 431 12.57 -9.19 -21.81
CA LYS A 431 11.88 -10.39 -21.32
C LYS A 431 11.17 -10.13 -19.99
N ALA A 432 11.84 -9.42 -19.06
CA ALA A 432 11.30 -9.07 -17.74
C ALA A 432 10.17 -8.05 -17.82
N LEU A 433 10.34 -6.99 -18.66
CA LEU A 433 9.34 -5.94 -18.86
C LEU A 433 8.06 -6.48 -19.51
N LYS A 434 8.19 -7.45 -20.44
CA LYS A 434 7.07 -8.13 -21.11
C LYS A 434 6.28 -8.97 -20.10
N LYS A 435 7.00 -9.61 -19.15
CA LYS A 435 6.43 -10.43 -18.09
C LYS A 435 5.67 -9.56 -17.09
N ALA A 436 6.16 -8.33 -16.85
CA ALA A 436 5.52 -7.34 -15.98
C ALA A 436 4.24 -6.85 -16.65
N ILE A 437 4.29 -6.60 -17.99
CA ILE A 437 3.15 -6.17 -18.82
C ILE A 437 2.03 -7.21 -18.80
N ALA A 438 2.39 -8.51 -18.93
CA ALA A 438 1.46 -9.66 -18.92
C ALA A 438 0.56 -9.69 -17.69
N ILE A 439 1.10 -9.31 -16.51
CA ILE A 439 0.38 -9.24 -15.24
C ILE A 439 -0.41 -7.93 -15.17
N MET A 440 0.25 -6.80 -15.50
CA MET A 440 -0.30 -5.44 -15.46
C MET A 440 -1.46 -5.20 -16.44
N GLU A 441 -1.55 -5.96 -17.54
CA GLU A 441 -2.66 -5.82 -18.51
C GLU A 441 -3.99 -6.28 -17.92
N VAL A 442 -3.94 -7.15 -16.89
CA VAL A 442 -5.09 -7.67 -16.16
C VAL A 442 -5.41 -6.77 -14.97
N ALA A 443 -4.38 -6.37 -14.19
CA ALA A 443 -4.52 -5.54 -12.99
C ALA A 443 -4.80 -4.06 -13.27
N HIS A 444 -4.00 -3.43 -14.14
CA HIS A 444 -4.11 -2.00 -14.50
C HIS A 444 -4.97 -1.73 -15.74
N GLY A 445 -5.21 -2.77 -16.54
CA GLY A 445 -5.97 -2.66 -17.79
C GLY A 445 -5.04 -2.36 -18.95
N LYS A 446 -5.32 -2.95 -20.13
CA LYS A 446 -4.50 -2.80 -21.34
C LYS A 446 -4.24 -1.35 -21.80
N ASP A 447 -5.14 -0.40 -21.44
CA ASP A 447 -5.06 1.01 -21.82
C ASP A 447 -4.45 1.94 -20.74
N HIS A 448 -3.83 1.37 -19.69
CA HIS A 448 -3.24 2.14 -18.58
C HIS A 448 -1.98 2.92 -19.02
N PRO A 449 -1.80 4.20 -18.59
CA PRO A 449 -0.59 4.94 -18.98
C PRO A 449 0.74 4.29 -18.58
N TYR A 450 0.76 3.51 -17.47
CA TYR A 450 1.95 2.79 -17.00
C TYR A 450 2.45 1.77 -18.03
N ILE A 451 1.52 1.00 -18.64
CA ILE A 451 1.80 -0.01 -19.67
C ILE A 451 2.41 0.66 -20.92
N SER A 452 1.89 1.85 -21.31
CA SER A 452 2.38 2.66 -22.44
C SER A 452 3.83 3.10 -22.23
N GLU A 453 4.21 3.41 -20.98
CA GLU A 453 5.56 3.83 -20.59
C GLU A 453 6.53 2.66 -20.70
N ILE A 454 6.14 1.48 -20.16
CA ILE A 454 6.93 0.23 -20.19
C ILE A 454 7.14 -0.25 -21.64
N LYS A 455 6.09 -0.12 -22.49
CA LYS A 455 6.14 -0.49 -23.91
C LYS A 455 7.12 0.41 -24.67
N GLN A 456 7.18 1.71 -24.29
CA GLN A 456 8.08 2.70 -24.88
C GLN A 456 9.53 2.43 -24.45
N GLU A 457 9.74 1.88 -23.23
CA GLU A 457 11.05 1.53 -22.68
C GLU A 457 11.67 0.36 -23.45
N ILE A 458 10.83 -0.57 -23.96
CA ILE A 458 11.25 -1.74 -24.74
C ILE A 458 11.71 -1.29 -26.14
ZN ZN B . -1.31 18.24 -11.86
ZN ZN C . -7.07 -15.71 4.55
ZN ZN D . 2.97 26.44 -0.44
C4 4GQ E . -7.96 -2.80 0.47
C5 4GQ E . -6.23 0.57 13.88
C6 4GQ E . -3.61 1.37 14.34
C7 4GQ E . -3.87 0.25 13.58
C8 4GQ E . -5.88 -2.14 2.21
C10 4GQ E . -7.19 -1.93 2.57
C13 4GQ E . -9.74 -0.90 2.94
C15 4GQ E . -8.48 -0.34 3.56
C17 4GQ E . -2.26 5.81 7.60
C20 4GQ E . -4.24 4.33 6.00
C21 4GQ E . -3.22 3.61 6.89
C22 4GQ E . -2.74 -0.54 13.01
C24 4GQ E . -2.38 -0.18 11.59
C26 4GQ E . -3.41 1.37 4.31
C28 4GQ E . -4.43 -0.33 3.14
C1 4GQ E . -6.65 -3.01 0.10
C2 4GQ E . -5.63 -2.68 0.96
C3 4GQ E . -5.18 -0.15 13.35
C9 4GQ E . -8.22 -2.26 1.71
C11 4GQ E . -5.96 1.69 14.63
C12 4GQ E . -4.66 2.09 14.86
C14 4GQ E . -3.02 1.27 7.69
C16 4GQ E . -3.21 6.53 6.67
C18 4GQ E . -4.51 5.75 6.48
C19 4GQ E . -1.93 4.41 7.09
C23 4GQ E . -3.78 1.72 8.91
C25 4GQ E . -3.85 0.64 9.96
C27 4GQ E . -2.41 1.76 5.39
C29 4GQ E . -4.74 -1.81 3.13
N30 4GQ E . -9.53 -2.00 2.14
N31 4GQ E . -3.04 1.02 11.09
N32 4GQ E . -3.52 -0.06 4.24
N33 4GQ E . -3.04 2.18 6.63
O34 4GQ E . -10.82 -0.38 3.14
O35 4GQ E . -2.45 0.19 7.66
O36 4GQ E . -7.56 -1.40 3.81
O37 4GQ E . -3.56 -2.50 2.74
CL1 4GQ E . -7.27 2.61 15.27
CL2 4GQ E . -4.33 3.49 15.80
N SAM F . -17.31 -4.82 6.28
CA SAM F . -17.02 -3.39 6.30
C SAM F . -18.30 -2.48 6.48
O SAM F . -18.58 -1.62 5.59
OXT SAM F . -18.97 -2.68 7.51
CB SAM F . -16.26 -2.96 5.01
CG SAM F . -14.78 -3.35 5.07
SD SAM F . -13.93 -2.44 6.33
CE SAM F . -12.67 -1.66 5.43
C5' SAM F . -13.02 -3.77 7.06
C4' SAM F . -13.77 -4.48 8.19
O4' SAM F . -14.62 -5.49 7.63
C3' SAM F . -12.82 -5.21 9.13
O3' SAM F . -12.39 -4.33 10.17
C2' SAM F . -13.69 -6.36 9.63
O2' SAM F . -14.52 -6.00 10.74
C1' SAM F . -14.54 -6.68 8.40
N9 SAM F . -13.99 -7.76 7.55
C8 SAM F . -13.40 -7.62 6.32
N7 SAM F . -13.04 -8.76 5.77
C5 SAM F . -13.44 -9.71 6.70
C6 SAM F . -13.33 -11.12 6.73
N6 SAM F . -12.80 -11.84 5.75
N1 SAM F . -13.81 -11.77 7.83
C2 SAM F . -14.34 -11.04 8.81
N3 SAM F . -14.50 -9.71 8.91
C4 SAM F . -14.02 -9.10 7.80
#